data_3PQZ
#
_entry.id   3PQZ
#
_cell.length_a   52.660
_cell.length_b   79.110
_cell.length_c   54.690
_cell.angle_alpha   90.00
_cell.angle_beta   104.40
_cell.angle_gamma   90.00
#
_symmetry.space_group_name_H-M   'P 1 21 1'
#
loop_
_entity.id
_entity.type
_entity.pdbx_description
1 polymer 'Growth factor receptor-bound protein 7'
2 polymer 'cyclic peptide'
3 water water
#
loop_
_entity_poly.entity_id
_entity_poly.type
_entity_poly.pdbx_seq_one_letter_code
_entity_poly.pdbx_strand_id
1 'polypeptide(L)'
;ASGTSLSAAIHRTQLWFHGRISREESQRLIGQQGLVDGLFLVRESQRNPQGFVLSLCHLQKVKHYLILPSEEEGRLYFSM
DDGQTRFTDLLQLVEFHQLNRGILPCLLRHCCTRVAL
;
A,B,C,D
2 'polypeptide(L)' WFEGYDNTFP(CCS) L,M
#
# COMPACT_ATOMS: atom_id res chain seq x y z
N ALA A 9 -4.11 8.37 -20.22
CA ALA A 9 -3.74 7.46 -21.30
C ALA A 9 -2.67 8.04 -22.21
N ILE A 10 -2.44 9.35 -22.11
CA ILE A 10 -1.38 9.98 -22.88
C ILE A 10 -0.02 9.57 -22.32
N HIS A 11 0.01 9.17 -21.06
CA HIS A 11 1.29 8.75 -20.47
C HIS A 11 1.83 7.51 -21.20
N ARG A 12 0.96 6.82 -21.92
CA ARG A 12 1.36 5.65 -22.70
C ARG A 12 2.22 6.04 -23.89
N THR A 13 2.16 7.30 -24.27
CA THR A 13 2.97 7.80 -25.39
C THR A 13 4.33 8.27 -24.89
N GLN A 14 4.50 8.29 -23.57
CA GLN A 14 5.77 8.70 -22.98
C GLN A 14 6.76 7.53 -22.86
N LEU A 15 8.05 7.76 -23.09
CA LEU A 15 9.01 6.67 -23.00
C LEU A 15 9.45 6.36 -21.57
N TRP A 16 9.12 7.24 -20.63
CA TRP A 16 9.51 7.01 -19.25
C TRP A 16 8.46 6.13 -18.57
N PHE A 17 7.39 5.85 -19.30
CA PHE A 17 6.28 5.07 -18.77
C PHE A 17 6.49 3.60 -19.12
N HIS A 18 6.53 2.77 -18.09
CA HIS A 18 6.85 1.36 -18.25
C HIS A 18 5.64 0.49 -18.00
N GLY A 19 4.48 1.13 -17.86
CA GLY A 19 3.27 0.44 -17.52
C GLY A 19 3.48 -0.44 -16.31
N ARG A 20 2.99 -1.67 -16.35
CA ARG A 20 2.99 -2.51 -15.15
C ARG A 20 4.24 -3.38 -15.01
N ILE A 21 5.23 -2.85 -14.29
CA ILE A 21 6.44 -3.59 -13.95
C ILE A 21 6.65 -3.52 -12.44
N SER A 22 7.31 -4.54 -11.89
CA SER A 22 7.54 -4.63 -10.46
C SER A 22 8.60 -3.64 -9.99
N ARG A 23 8.65 -3.40 -8.68
CA ARG A 23 9.74 -2.61 -8.10
C ARG A 23 11.11 -3.18 -8.42
N GLU A 24 11.25 -4.50 -8.32
CA GLU A 24 12.52 -5.16 -8.62
C GLU A 24 12.94 -4.87 -10.05
N GLU A 25 12.03 -5.05 -10.99
CA GLU A 25 12.28 -4.74 -12.38
C GLU A 25 12.56 -3.30 -12.64
N SER A 26 11.91 -2.39 -11.95
CA SER A 26 12.28 -1.01 -12.07
C SER A 26 13.68 -0.69 -11.56
N GLN A 27 14.18 -1.39 -10.58
CA GLN A 27 15.50 -1.14 -10.09
C GLN A 27 16.58 -1.80 -10.94
N ARG A 28 16.23 -2.86 -11.64
CA ARG A 28 17.10 -3.42 -12.61
C ARG A 28 17.23 -2.52 -13.82
N LEU A 29 16.12 -1.96 -14.28
CA LEU A 29 16.12 -1.08 -15.44
C LEU A 29 16.91 0.18 -15.18
N ILE A 30 16.65 0.82 -14.05
CA ILE A 30 17.45 1.97 -13.65
C ILE A 30 18.94 1.63 -13.50
N GLY A 31 19.23 0.49 -12.89
CA GLY A 31 20.60 -0.02 -12.90
C GLY A 31 21.24 -0.20 -14.27
N GLN A 32 20.47 -0.71 -15.23
CA GLN A 32 20.98 -0.97 -16.57
C GLN A 32 21.44 0.30 -17.28
N GLN A 33 20.76 1.39 -16.97
CA GLN A 33 21.04 2.67 -17.58
C GLN A 33 22.00 3.50 -16.72
N GLY A 34 22.72 2.81 -15.82
CA GLY A 34 23.83 3.39 -15.09
C GLY A 34 23.65 4.10 -13.75
N LEU A 35 22.46 4.02 -13.18
CA LEU A 35 22.15 4.59 -11.86
C LEU A 35 22.56 6.05 -11.81
N VAL A 36 22.17 6.80 -12.82
CA VAL A 36 22.45 8.23 -12.84
C VAL A 36 21.44 8.98 -11.97
N ASP A 37 21.93 10.00 -11.28
CA ASP A 37 21.07 10.76 -10.38
C ASP A 37 20.00 11.44 -11.23
N GLY A 38 18.74 11.29 -10.85
CA GLY A 38 17.62 11.82 -11.59
C GLY A 38 17.17 10.96 -12.75
N LEU A 39 17.76 9.77 -12.89
CA LEU A 39 17.31 8.81 -13.86
C LEU A 39 15.98 8.34 -13.29
N PHE A 40 14.93 8.30 -14.10
CA PHE A 40 13.63 7.97 -13.54
C PHE A 40 12.72 7.27 -14.54
N LEU A 41 11.71 6.59 -14.02
CA LEU A 41 10.62 6.06 -14.81
C LEU A 41 9.31 6.10 -14.04
N VAL A 42 8.19 6.01 -14.75
CA VAL A 42 6.88 5.89 -14.10
C VAL A 42 6.17 4.60 -14.46
N ARG A 43 5.53 3.98 -13.48
CA ARG A 43 4.88 2.70 -13.68
C ARG A 43 3.58 2.56 -12.94
N GLU A 44 2.81 1.57 -13.37
CA GLU A 44 1.59 1.15 -12.67
C GLU A 44 1.81 0.54 -11.29
N SER A 45 0.93 0.82 -10.35
CA SER A 45 1.00 0.18 -9.05
C SER A 45 0.39 -1.19 -9.28
N GLN A 46 0.81 -2.19 -8.51
CA GLN A 46 0.40 -3.57 -8.78
C GLN A 46 -1.05 -3.87 -8.48
N ARG A 47 -1.55 -3.34 -7.36
CA ARG A 47 -2.96 -3.53 -6.99
C ARG A 47 -3.86 -2.45 -7.56
N PRO A 49 -3.69 0.35 -9.77
CA PRO A 49 -5.05 0.48 -10.35
C PRO A 49 -5.09 1.75 -11.17
N GLN A 50 -5.59 2.80 -10.54
CA GLN A 50 -5.51 4.13 -11.09
C GLN A 50 -4.35 4.82 -10.37
N GLY A 51 -3.39 4.00 -9.95
CA GLY A 51 -2.32 4.47 -9.10
C GLY A 51 -0.98 4.07 -9.68
N PHE A 52 0.05 4.84 -9.33
CA PHE A 52 1.33 4.75 -10.01
C PHE A 52 2.50 4.93 -9.06
N VAL A 53 3.68 4.57 -9.52
CA VAL A 53 4.90 4.79 -8.77
C VAL A 53 5.92 5.47 -9.67
N LEU A 54 6.54 6.51 -9.13
CA LEU A 54 7.65 7.17 -9.81
C LEU A 54 8.92 6.59 -9.19
N SER A 55 9.72 5.90 -10.01
CA SER A 55 10.94 5.30 -9.52
C SER A 55 12.13 6.13 -9.98
N LEU A 56 12.89 6.62 -9.00
CA LEU A 56 13.86 7.70 -9.21
C LEU A 56 15.19 7.31 -8.57
N CYS A 57 16.29 7.50 -9.29
CA CYS A 57 17.59 7.23 -8.69
C CYS A 57 18.18 8.49 -8.05
N HIS A 58 18.58 8.35 -6.79
CA HIS A 58 19.27 9.41 -6.07
C HIS A 58 20.39 8.80 -5.21
N LEU A 59 21.63 9.26 -5.39
CA LEU A 59 22.77 8.74 -4.66
C LEU A 59 22.91 7.22 -4.76
N GLN A 60 22.75 6.74 -5.99
CA GLN A 60 22.96 5.33 -6.36
C GLN A 60 21.86 4.42 -5.84
N LYS A 61 20.80 5.01 -5.31
CA LYS A 61 19.66 4.28 -4.83
C LYS A 61 18.34 4.59 -5.51
N VAL A 62 17.62 3.53 -5.85
CA VAL A 62 16.29 3.71 -6.38
C VAL A 62 15.28 3.91 -5.25
N LYS A 63 14.60 5.04 -5.31
CA LYS A 63 13.52 5.38 -4.40
C LYS A 63 12.20 5.33 -5.16
N HIS A 64 11.12 5.09 -4.42
CA HIS A 64 9.81 4.89 -5.03
C HIS A 64 8.74 5.78 -4.43
N TYR A 65 8.15 6.61 -5.29
CA TYR A 65 7.16 7.59 -4.87
C TYR A 65 5.75 7.24 -5.34
N LEU A 66 4.86 6.98 -4.39
CA LEU A 66 3.49 6.61 -4.71
C LEU A 66 2.70 7.83 -5.21
N ILE A 67 1.95 7.60 -6.28
CA ILE A 67 1.11 8.60 -6.91
C ILE A 67 -0.29 8.04 -6.87
N LEU A 68 -1.18 8.72 -6.17
CA LEU A 68 -2.54 8.23 -5.97
C LEU A 68 -3.52 9.18 -6.62
N PRO A 69 -4.57 8.60 -7.22
CA PRO A 69 -5.71 9.29 -7.82
C PRO A 69 -6.74 9.72 -6.79
N SER A 70 -7.38 10.85 -7.07
CA SER A 70 -8.54 11.31 -6.29
C SER A 70 -9.51 11.90 -7.30
N GLU A 71 -10.75 12.05 -6.88
CA GLU A 71 -11.69 12.79 -7.68
C GLU A 71 -11.81 14.26 -7.27
N GLU A 72 -12.54 14.98 -8.07
CA GLU A 72 -12.87 16.33 -7.80
C GLU A 72 -13.83 16.80 -8.84
N GLU A 73 -15.07 16.94 -8.44
CA GLU A 73 -16.13 17.54 -9.23
C GLU A 73 -16.23 17.37 -10.74
N GLY A 74 -16.38 16.18 -11.30
CA GLY A 74 -16.01 14.91 -10.74
C GLY A 74 -14.94 14.31 -11.63
N ARG A 75 -13.80 14.98 -11.68
CA ARG A 75 -12.65 14.65 -12.51
C ARG A 75 -11.42 14.29 -11.69
N LEU A 76 -10.76 13.21 -12.11
CA LEU A 76 -9.56 12.72 -11.48
C LEU A 76 -8.36 13.65 -11.58
N TYR A 77 -7.59 13.68 -10.50
CA TYR A 77 -6.23 14.19 -10.52
C TYR A 77 -5.31 13.26 -9.75
N PHE A 78 -4.01 13.48 -9.92
CA PHE A 78 -2.99 12.70 -9.22
C PHE A 78 -2.14 13.49 -8.23
N SER A 79 -1.71 12.82 -7.18
CA SER A 79 -0.87 13.47 -6.17
C SER A 79 0.07 12.48 -5.47
N MET A 80 1.23 12.97 -5.11
CA MET A 80 2.16 12.26 -4.30
C MET A 80 2.13 12.67 -2.80
N ASP A 81 1.30 13.60 -2.44
CA ASP A 81 1.35 14.10 -1.09
C ASP A 81 -0.02 14.22 -0.51
N ASP A 82 -0.85 13.27 -0.82
CA ASP A 82 -2.21 13.22 -0.39
C ASP A 82 -3.03 14.51 -0.70
N GLY A 83 -2.79 15.05 -1.87
CA GLY A 83 -3.55 16.17 -2.42
C GLY A 83 -3.04 17.58 -2.16
N GLN A 84 -1.87 17.72 -1.55
CA GLN A 84 -1.28 19.04 -1.34
C GLN A 84 -0.77 19.61 -2.67
N THR A 85 -0.25 18.74 -3.52
CA THR A 85 0.11 19.15 -4.88
C THR A 85 -0.60 18.19 -5.85
N ARG A 86 -1.31 18.76 -6.81
CA ARG A 86 -2.25 17.99 -7.62
C ARG A 86 -1.95 18.17 -9.10
N PHE A 87 -2.15 17.12 -9.90
CA PHE A 87 -1.82 17.19 -11.32
C PHE A 87 -2.94 16.52 -12.14
N THR A 88 -3.28 17.11 -13.29
CA THR A 88 -4.28 16.52 -14.18
C THR A 88 -3.89 15.14 -14.68
N ASP A 89 -2.59 14.91 -14.88
CA ASP A 89 -2.12 13.66 -15.45
C ASP A 89 -0.64 13.51 -15.17
N LEU A 90 -0.08 12.35 -15.50
CA LEU A 90 1.29 12.06 -15.13
C LEU A 90 2.31 12.92 -15.88
N LEU A 91 2.02 13.24 -17.12
CA LEU A 91 2.90 14.10 -17.91
C LEU A 91 3.10 15.45 -17.19
N GLN A 92 2.01 16.06 -16.72
CA GLN A 92 2.09 17.31 -15.95
C GLN A 92 2.97 17.16 -14.71
N LEU A 93 2.82 16.04 -14.01
CA LEU A 93 3.60 15.76 -12.81
C LEU A 93 5.08 15.67 -13.13
N VAL A 94 5.42 14.93 -14.17
CA VAL A 94 6.81 14.76 -14.55
C VAL A 94 7.43 16.07 -14.98
N GLU A 95 6.74 16.76 -15.88
CA GLU A 95 7.18 18.05 -16.38
C GLU A 95 7.38 19.05 -15.24
N PHE A 96 6.48 19.05 -14.25
CA PHE A 96 6.70 19.87 -13.07
C PHE A 96 7.98 19.54 -12.34
N HIS A 97 8.22 18.24 -12.16
CA HIS A 97 9.34 17.81 -11.33
C HIS A 97 10.66 17.73 -12.10
N GLN A 98 10.71 18.12 -13.35
CA GLN A 98 11.95 18.28 -14.05
C GLN A 98 12.60 19.60 -13.69
N LEU A 99 11.75 20.52 -13.24
CA LEU A 99 12.12 21.83 -12.86
C LEU A 99 12.06 22.06 -11.38
N ASN A 100 11.21 21.37 -10.67
CA ASN A 100 11.03 21.62 -9.27
C ASN A 100 11.15 20.33 -8.49
N ARG A 101 11.88 20.30 -7.40
CA ARG A 101 12.04 19.06 -6.65
C ARG A 101 10.77 18.70 -5.92
N GLY A 102 9.98 19.71 -5.55
CA GLY A 102 8.78 19.45 -4.78
C GLY A 102 9.20 18.58 -3.60
N ILE A 103 8.51 17.46 -3.41
CA ILE A 103 8.86 16.55 -2.33
C ILE A 103 10.08 15.67 -2.64
N LEU A 104 10.53 15.67 -3.90
CA LEU A 104 11.60 14.76 -4.28
C LEU A 104 12.97 15.29 -3.83
N PRO A 105 13.96 14.39 -3.73
CA PRO A 105 15.32 14.70 -3.29
C PRO A 105 16.19 15.28 -4.39
N CYS A 106 15.75 15.15 -5.63
CA CYS A 106 16.46 15.75 -6.77
C CYS A 106 15.48 15.96 -7.91
N LEU A 107 15.89 16.75 -8.90
CA LEU A 107 15.12 16.91 -10.13
C LEU A 107 15.04 15.61 -10.94
N LEU A 108 13.98 15.47 -11.73
CA LEU A 108 13.89 14.40 -12.71
C LEU A 108 14.68 14.83 -13.95
N ARG A 109 15.81 14.17 -14.20
CA ARG A 109 16.77 14.66 -15.18
C ARG A 109 16.82 13.81 -16.44
N HIS A 110 16.68 12.49 -16.32
CA HIS A 110 16.94 11.60 -17.46
C HIS A 110 15.88 10.53 -17.49
N CYS A 111 15.28 10.35 -18.67
CA CYS A 111 14.31 9.29 -18.85
C CYS A 111 14.98 7.93 -18.90
N CYS A 112 14.44 7.01 -18.11
CA CYS A 112 14.76 5.60 -18.20
C CYS A 112 13.78 4.98 -19.18
N THR A 113 14.30 4.52 -20.31
CA THR A 113 13.45 4.13 -21.42
C THR A 113 12.81 2.75 -21.25
N ALA B 8 -11.49 -2.99 19.62
CA ALA B 8 -11.81 -3.73 20.81
C ALA B 8 -12.30 -5.12 20.42
N ALA B 9 -12.07 -5.50 19.17
CA ALA B 9 -12.40 -6.83 18.75
C ALA B 9 -11.31 -7.78 19.17
N ILE B 10 -10.79 -7.61 20.37
CA ILE B 10 -9.74 -8.46 20.84
C ILE B 10 -8.62 -7.70 20.29
N HIS B 11 -7.71 -8.50 19.74
CA HIS B 11 -6.30 -8.34 19.62
C HIS B 11 -5.74 -7.27 20.46
N ARG B 12 -6.50 -6.22 20.62
CA ARG B 12 -6.23 -5.10 21.48
C ARG B 12 -6.01 -5.62 22.83
N THR B 13 -6.48 -6.82 23.04
CA THR B 13 -6.28 -7.48 24.31
C THR B 13 -4.93 -8.22 24.41
N GLN B 14 -4.22 -8.23 23.32
CA GLN B 14 -2.88 -8.78 23.24
C GLN B 14 -1.82 -7.74 23.28
N LEU B 15 -0.75 -8.07 23.96
CA LEU B 15 0.35 -7.18 24.19
C LEU B 15 1.35 -6.99 23.06
N TRP B 16 1.35 -7.88 22.08
CA TRP B 16 2.09 -7.71 20.85
C TRP B 16 1.36 -6.77 19.90
N PHE B 17 0.15 -6.40 20.26
CA PHE B 17 -0.60 -5.47 19.41
C PHE B 17 -0.33 -4.04 19.85
N HIS B 18 0.15 -3.23 18.91
CA HIS B 18 0.56 -1.87 19.20
C HIS B 18 -0.41 -0.86 18.59
N GLY B 19 -1.52 -1.36 18.06
CA GLY B 19 -2.47 -0.51 17.37
C GLY B 19 -1.78 0.27 16.29
N ARG B 20 -2.10 1.56 16.18
CA ARG B 20 -1.61 2.38 15.08
C ARG B 20 -0.28 3.07 15.37
N ILE B 21 0.81 2.41 15.03
CA ILE B 21 2.14 3.02 15.07
C ILE B 21 2.81 2.89 13.70
N SER B 22 3.74 3.79 13.41
CA SER B 22 4.41 3.81 12.12
C SER B 22 5.45 2.70 12.00
N ARG B 23 5.91 2.46 10.78
CA ARG B 23 7.00 1.51 10.55
C ARG B 23 8.25 1.90 11.33
N GLU B 24 8.58 3.19 11.29
CA GLU B 24 9.75 3.70 11.99
C GLU B 24 9.66 3.39 13.49
N GLU B 25 8.49 3.66 14.06
CA GLU B 25 8.25 3.37 15.48
C GLU B 25 8.37 1.88 15.77
N SER B 26 7.74 1.03 14.95
CA SER B 26 7.84 -0.41 15.14
C SER B 26 9.31 -0.84 15.14
N GLN B 27 10.10 -0.22 14.30
CA GLN B 27 11.53 -0.53 14.23
C GLN B 27 12.30 -0.07 15.46
N ARG B 28 11.98 1.10 15.97
CA ARG B 28 12.63 1.52 17.20
C ARG B 28 12.22 0.63 18.38
N LEU B 29 10.95 0.25 18.45
CA LEU B 29 10.46 -0.61 19.53
C LEU B 29 11.15 -1.96 19.51
N ILE B 30 11.20 -2.58 18.34
CA ILE B 30 11.90 -3.85 18.20
C ILE B 30 13.38 -3.71 18.54
N GLY B 31 13.99 -2.59 18.14
CA GLY B 31 15.35 -2.29 18.54
C GLY B 31 15.53 -2.17 20.05
N GLN B 32 14.57 -1.53 20.72
CA GLN B 32 14.63 -1.30 22.16
C GLN B 32 14.69 -2.60 22.93
N GLN B 33 14.02 -3.61 22.42
CA GLN B 33 13.97 -4.90 23.09
C GLN B 33 15.01 -5.87 22.55
N GLY B 34 16.03 -5.31 21.89
CA GLY B 34 17.25 -6.04 21.59
C GLY B 34 17.43 -6.71 20.24
N LEU B 35 16.52 -6.46 19.30
CA LEU B 35 16.61 -7.05 17.96
C LEU B 35 16.80 -8.57 18.02
N VAL B 36 16.00 -9.24 18.83
CA VAL B 36 16.09 -10.69 18.92
C VAL B 36 15.35 -11.33 17.75
N ASP B 37 15.92 -12.39 17.20
CA ASP B 37 15.27 -13.09 16.09
C ASP B 37 13.93 -13.64 16.57
N GLY B 38 12.87 -13.32 15.82
CA GLY B 38 11.54 -13.74 16.18
C GLY B 38 10.83 -12.78 17.13
N LEU B 39 11.51 -11.69 17.49
CA LEU B 39 10.87 -10.62 18.23
C LEU B 39 9.88 -9.99 17.27
N PHE B 40 8.63 -9.81 17.70
CA PHE B 40 7.61 -9.36 16.79
C PHE B 40 6.53 -8.52 17.45
N LEU B 41 5.82 -7.76 16.62
CA LEU B 41 4.60 -7.07 17.06
C LEU B 41 3.62 -6.95 15.91
N VAL B 42 2.36 -6.70 16.22
CA VAL B 42 1.35 -6.46 15.18
C VAL B 42 0.74 -5.08 15.31
N ARG B 43 0.53 -4.43 14.18
CA ARG B 43 0.01 -3.06 14.19
C ARG B 43 -0.99 -2.77 13.08
N GLU B 44 -1.69 -1.65 13.20
CA GLU B 44 -2.63 -1.17 12.20
C GLU B 44 -1.90 -0.57 11.01
N SER B 45 -2.38 -0.86 9.81
CA SER B 45 -1.86 -0.18 8.63
C SER B 45 -2.36 1.25 8.66
N GLN B 46 -1.63 2.19 8.13
CA GLN B 46 -2.01 3.56 8.30
C GLN B 46 -3.23 3.95 7.54
N ARG B 47 -3.56 3.25 6.46
CA ARG B 47 -4.70 3.58 5.61
C ARG B 47 -5.93 2.63 5.57
N ASN B 48 -5.73 1.32 5.75
CA ASN B 48 -6.78 0.27 5.83
C ASN B 48 -6.97 -0.07 7.26
N GLN B 50 -8.91 -2.62 9.73
CA GLN B 50 -9.10 -3.16 8.43
C GLN B 50 -7.86 -3.95 8.09
N GLY B 51 -6.72 -3.30 7.98
CA GLY B 51 -5.50 -3.92 7.56
C GLY B 51 -4.38 -3.80 8.52
N PHE B 52 -3.43 -4.72 8.50
CA PHE B 52 -2.43 -4.75 9.54
C PHE B 52 -1.04 -5.06 9.01
N VAL B 53 -0.04 -4.88 9.85
CA VAL B 53 1.32 -5.26 9.52
C VAL B 53 1.92 -6.03 10.68
N LEU B 54 2.54 -7.16 10.37
CA LEU B 54 3.30 -7.92 11.33
C LEU B 54 4.76 -7.52 11.17
N SER B 55 5.32 -6.88 12.20
CA SER B 55 6.70 -6.45 12.17
C SER B 55 7.57 -7.43 12.95
N LEU B 56 8.53 -8.02 12.25
CA LEU B 56 9.25 -9.18 12.73
C LEU B 56 10.76 -8.99 12.57
N CYS B 57 11.53 -9.32 13.59
CA CYS B 57 12.98 -9.23 13.50
C CYS B 57 13.59 -10.55 13.03
N HIS B 58 14.39 -10.47 11.97
CA HIS B 58 15.14 -11.63 11.47
C HIS B 58 16.53 -11.18 11.01
N LEU B 59 17.57 -11.76 11.60
CA LEU B 59 18.95 -11.41 11.26
C LEU B 59 19.23 -9.93 11.47
N GLN B 60 18.77 -9.42 12.59
CA GLN B 60 19.00 -8.03 13.01
C GLN B 60 18.28 -7.01 12.13
N LYS B 61 17.33 -7.49 11.34
CA LYS B 61 16.51 -6.60 10.53
C LYS B 61 15.03 -6.75 10.78
N VAL B 62 14.36 -5.61 10.80
CA VAL B 62 12.92 -5.61 10.92
C VAL B 62 12.30 -5.70 9.53
N LYS B 63 11.50 -6.75 9.34
CA LYS B 63 10.74 -6.96 8.13
C LYS B 63 9.27 -6.77 8.41
N HIS B 64 8.52 -6.43 7.37
CA HIS B 64 7.13 -6.04 7.53
C HIS B 64 6.20 -6.81 6.61
N TYR B 65 5.24 -7.49 7.23
CA TYR B 65 4.34 -8.37 6.50
C TYR B 65 2.92 -7.86 6.51
N LEU B 66 2.42 -7.52 5.32
CA LEU B 66 1.08 -6.99 5.18
C LEU B 66 0.03 -8.07 5.39
N ILE B 67 -0.97 -7.73 6.19
CA ILE B 67 -2.09 -8.60 6.49
C ILE B 67 -3.35 -7.88 6.01
N LEU B 68 -4.00 -8.46 5.01
CA LEU B 68 -5.17 -7.83 4.42
C LEU B 68 -6.43 -8.63 4.72
N PRO B 69 -7.54 -7.90 4.92
CA PRO B 69 -8.87 -8.45 5.16
C PRO B 69 -9.58 -8.79 3.85
N SER B 70 -10.42 -9.81 3.89
CA SER B 70 -11.31 -10.13 2.79
C SER B 70 -12.60 -10.62 3.41
N GLU B 71 -13.70 -10.49 2.67
CA GLU B 71 -14.98 -10.99 3.15
C GLU B 71 -15.24 -12.39 2.62
N GLU B 72 -16.26 -13.03 3.16
CA GLU B 72 -16.64 -14.35 2.70
C GLU B 72 -17.91 -14.82 3.40
N GLY B 74 -21.91 -11.65 5.45
CA GLY B 74 -20.61 -12.24 5.21
C GLY B 74 -19.60 -11.83 6.26
N ARG B 75 -18.86 -12.82 6.78
CA ARG B 75 -17.87 -12.57 7.81
C ARG B 75 -16.47 -12.46 7.23
N LEU B 76 -15.66 -11.56 7.77
CA LEU B 76 -14.36 -11.25 7.20
C LEU B 76 -13.18 -11.84 7.96
N TYR B 77 -12.09 -12.09 7.26
CA TYR B 77 -10.86 -12.54 7.90
C TYR B 77 -9.59 -12.16 7.16
N PHE B 78 -8.47 -12.72 7.59
CA PHE B 78 -7.18 -12.13 7.30
C PHE B 78 -6.17 -13.05 6.62
N SER B 79 -5.34 -12.46 5.76
CA SER B 79 -4.33 -13.22 5.05
C SER B 79 -3.09 -12.38 4.71
N MET B 80 -1.95 -13.04 4.66
CA MET B 80 -0.69 -12.40 4.27
C MET B 80 -0.27 -12.82 2.86
N ASP B 81 -1.08 -13.64 2.21
CA ASP B 81 -0.71 -14.21 0.93
C ASP B 81 -1.87 -14.22 -0.07
N ASP B 82 -2.65 -13.14 -0.04
CA ASP B 82 -3.78 -12.96 -0.93
C ASP B 82 -4.77 -14.12 -0.87
N GLY B 83 -4.94 -14.67 0.32
CA GLY B 83 -5.97 -15.66 0.57
C GLY B 83 -5.58 -17.13 0.50
N GLN B 84 -4.30 -17.42 0.28
CA GLN B 84 -3.85 -18.81 0.26
C GLN B 84 -3.87 -19.41 1.67
N THR B 85 -3.55 -18.59 2.66
CA THR B 85 -3.67 -18.98 4.06
C THR B 85 -4.55 -17.95 4.76
N ARG B 86 -5.64 -18.42 5.36
CA ARG B 86 -6.63 -17.52 5.95
C ARG B 86 -6.77 -17.71 7.45
N PHE B 87 -7.17 -16.64 8.14
CA PHE B 87 -7.32 -16.67 9.59
C PHE B 87 -8.52 -15.84 10.03
N THR B 88 -9.30 -16.36 10.99
CA THR B 88 -10.46 -15.64 11.50
C THR B 88 -10.09 -14.31 12.13
N ASP B 89 -8.91 -14.25 12.75
CA ASP B 89 -8.49 -13.06 13.47
C ASP B 89 -6.98 -13.08 13.66
N LEU B 90 -6.42 -12.00 14.16
CA LEU B 90 -4.97 -11.83 14.28
C LEU B 90 -4.36 -12.73 15.29
N LEU B 91 -5.12 -13.12 16.29
CA LEU B 91 -4.62 -14.08 17.25
C LEU B 91 -4.44 -15.48 16.70
N GLN B 92 -5.37 -15.96 15.92
CA GLN B 92 -5.17 -17.19 15.20
C GLN B 92 -3.96 -17.16 14.27
N LEU B 93 -3.67 -16.04 13.64
CA LEU B 93 -2.52 -15.88 12.74
C LEU B 93 -1.22 -15.99 13.52
N VAL B 94 -1.12 -15.22 14.60
CA VAL B 94 0.08 -15.21 15.42
C VAL B 94 0.35 -16.60 16.01
N GLU B 95 -0.68 -17.17 16.61
CA GLU B 95 -0.56 -18.50 17.21
C GLU B 95 -0.16 -19.56 16.19
N PHE B 96 -0.66 -19.46 14.97
CA PHE B 96 -0.21 -20.36 13.91
C PHE B 96 1.27 -20.16 13.64
N HIS B 97 1.71 -18.92 13.54
CA HIS B 97 3.09 -18.65 13.15
C HIS B 97 4.10 -18.70 14.30
N GLN B 98 3.73 -19.04 15.51
CA GLN B 98 4.67 -19.36 16.56
C GLN B 98 5.17 -20.79 16.42
N LEU B 99 4.39 -21.58 15.70
CA LEU B 99 4.73 -22.94 15.40
C LEU B 99 5.13 -23.18 13.97
N ASN B 100 4.67 -22.39 13.05
CA ASN B 100 4.85 -22.65 11.66
C ASN B 100 5.42 -21.43 11.00
N ARG B 101 6.47 -21.57 10.24
CA ARG B 101 7.05 -20.43 9.52
C ARG B 101 6.07 -19.87 8.49
N GLY B 102 5.33 -20.76 7.84
CA GLY B 102 4.48 -20.34 6.75
C GLY B 102 5.33 -19.58 5.75
N ILE B 103 4.90 -18.37 5.41
CA ILE B 103 5.68 -17.54 4.49
C ILE B 103 6.83 -16.80 5.18
N LEU B 104 6.84 -16.82 6.51
CA LEU B 104 7.85 -16.08 7.27
C LEU B 104 9.21 -16.76 7.25
N PRO B 105 10.28 -15.98 7.44
CA PRO B 105 11.67 -16.47 7.47
C PRO B 105 12.05 -17.14 8.79
N CYS B 106 11.26 -16.91 9.83
CA CYS B 106 11.48 -17.55 11.12
C CYS B 106 10.19 -17.61 11.91
N LEU B 107 10.18 -18.40 12.97
CA LEU B 107 9.03 -18.46 13.87
C LEU B 107 8.85 -17.16 14.63
N LEU B 108 7.62 -16.89 15.04
CA LEU B 108 7.33 -15.79 15.97
C LEU B 108 7.64 -16.28 17.38
N ARG B 109 8.71 -15.75 17.97
CA ARG B 109 9.25 -16.29 19.21
C ARG B 109 8.99 -15.44 20.45
N HIS B 110 9.10 -14.13 20.29
CA HIS B 110 9.05 -13.24 21.45
C HIS B 110 8.16 -12.04 21.18
N CYS B 111 7.26 -11.79 22.12
CA CYS B 111 6.38 -10.63 22.02
C CYS B 111 7.14 -9.35 22.30
N CYS B 112 7.03 -8.40 21.36
CA CYS B 112 7.50 -7.04 21.59
C CYS B 112 6.34 -6.28 22.21
N THR B 113 6.52 -5.86 23.46
CA THR B 113 5.41 -5.34 24.25
C THR B 113 5.01 -3.92 23.89
N ARG B 114 3.72 -3.63 24.02
CA ARG B 114 3.16 -2.38 23.56
C ARG B 114 3.22 -1.29 24.63
N LEU C 15 -12.02 -22.40 -25.88
CA LEU C 15 -10.63 -22.46 -25.48
C LEU C 15 -10.30 -21.34 -24.50
N TRP C 16 -9.52 -21.69 -23.48
CA TRP C 16 -9.22 -20.84 -22.33
C TRP C 16 -8.12 -19.82 -22.54
N PHE C 17 -7.31 -20.01 -23.59
CA PHE C 17 -6.24 -19.06 -23.89
C PHE C 17 -6.76 -17.89 -24.69
N HIS C 18 -6.62 -16.70 -24.14
CA HIS C 18 -7.14 -15.50 -24.78
C HIS C 18 -6.04 -14.63 -25.38
N GLY C 19 -4.94 -15.26 -25.79
CA GLY C 19 -3.83 -14.54 -26.36
C GLY C 19 -3.47 -13.36 -25.49
N ARG C 20 -3.46 -12.16 -26.05
CA ARG C 20 -3.25 -10.97 -25.23
C ARG C 20 -4.49 -10.12 -25.07
N ILE C 21 -4.80 -9.86 -23.81
CA ILE C 21 -5.78 -8.89 -23.42
C ILE C 21 -5.32 -8.35 -22.09
N SER C 22 -5.71 -7.16 -21.74
CA SER C 22 -5.33 -6.58 -20.49
C SER C 22 -5.95 -7.28 -19.31
N ARG C 23 -5.56 -6.84 -18.13
CA ARG C 23 -6.09 -7.28 -16.87
C ARG C 23 -7.54 -6.85 -16.79
N GLU C 24 -7.78 -5.62 -17.14
CA GLU C 24 -9.12 -5.09 -17.19
C GLU C 24 -10.01 -5.86 -18.12
N GLU C 25 -9.52 -6.17 -19.30
CA GLU C 25 -10.35 -6.78 -20.29
C GLU C 25 -10.71 -8.14 -19.81
N SER C 26 -9.83 -8.73 -19.05
CA SER C 26 -10.12 -10.06 -18.52
C SER C 26 -11.18 -10.00 -17.43
N GLN C 27 -11.10 -8.98 -16.59
CA GLN C 27 -12.10 -8.80 -15.53
C GLN C 27 -13.49 -8.56 -16.12
N ARG C 28 -13.54 -7.86 -17.24
CA ARG C 28 -14.79 -7.56 -17.92
C ARG C 28 -15.36 -8.78 -18.64
N LEU C 29 -14.49 -9.55 -19.30
CA LEU C 29 -14.91 -10.79 -19.94
C LEU C 29 -15.48 -11.79 -18.92
N ILE C 30 -14.68 -12.10 -17.91
CA ILE C 30 -15.11 -12.98 -16.84
C ILE C 30 -16.40 -12.47 -16.22
N GLY C 31 -16.43 -11.18 -15.92
CA GLY C 31 -17.60 -10.55 -15.36
C GLY C 31 -18.84 -10.86 -16.18
N GLN C 32 -18.82 -10.54 -17.47
CA GLN C 32 -19.99 -10.73 -18.30
C GLN C 32 -20.29 -12.19 -18.63
N GLN C 33 -19.46 -13.11 -18.15
CA GLN C 33 -19.87 -14.52 -18.21
C GLN C 33 -20.41 -15.09 -16.90
N GLY C 34 -20.65 -14.23 -15.91
CA GLY C 34 -21.38 -14.62 -14.72
C GLY C 34 -20.66 -14.58 -13.39
N LEU C 35 -19.38 -14.21 -13.40
CA LEU C 35 -18.59 -14.19 -12.16
C LEU C 35 -18.76 -15.47 -11.36
N VAL C 36 -18.84 -16.60 -12.05
CA VAL C 36 -19.06 -17.88 -11.38
C VAL C 36 -17.78 -18.48 -10.83
N ASP C 37 -17.91 -19.30 -9.79
CA ASP C 37 -16.77 -19.98 -9.19
C ASP C 37 -16.11 -20.92 -10.19
N GLY C 38 -14.80 -20.78 -10.36
CA GLY C 38 -14.06 -21.64 -11.25
C GLY C 38 -13.98 -21.11 -12.67
N LEU C 39 -14.73 -20.05 -12.95
CA LEU C 39 -14.64 -19.39 -14.24
C LEU C 39 -13.24 -18.82 -14.38
N PHE C 40 -12.57 -19.13 -15.49
CA PHE C 40 -11.16 -18.77 -15.63
C PHE C 40 -10.77 -18.52 -17.09
N LEU C 41 -9.62 -17.87 -17.25
CA LEU C 41 -8.97 -17.78 -18.56
C LEU C 41 -7.47 -17.56 -18.38
N VAL C 42 -6.69 -17.87 -19.40
CA VAL C 42 -5.26 -17.62 -19.37
C VAL C 42 -4.92 -16.60 -20.44
N ARG C 43 -3.98 -15.70 -20.13
CA ARG C 43 -3.61 -14.67 -21.08
C ARG C 43 -2.12 -14.40 -21.08
N GLU C 44 -1.65 -13.72 -22.12
CA GLU C 44 -0.25 -13.31 -22.17
C GLU C 44 -0.07 -12.10 -21.26
N SER C 45 1.06 -12.06 -20.56
CA SER C 45 1.36 -10.97 -19.64
C SER C 45 1.70 -9.67 -20.37
N GLN C 46 1.75 -8.60 -19.60
CA GLN C 46 1.92 -7.26 -20.15
C GLN C 46 3.10 -6.56 -19.51
N ARG C 47 4.27 -6.88 -20.04
CA ARG C 47 5.53 -6.62 -19.37
C ARG C 47 6.42 -7.73 -19.89
N ASN C 48 6.02 -8.95 -19.58
CA ASN C 48 6.77 -10.15 -19.92
C ASN C 48 6.22 -10.80 -21.18
N PRO C 49 7.08 -11.00 -22.18
CA PRO C 49 6.70 -11.69 -23.42
C PRO C 49 6.56 -13.19 -23.18
N GLN C 50 7.32 -13.71 -22.22
CA GLN C 50 7.29 -15.13 -21.91
C GLN C 50 6.39 -15.39 -20.71
N GLY C 51 5.95 -14.31 -20.08
CA GLY C 51 5.08 -14.43 -18.92
C GLY C 51 3.63 -14.67 -19.31
N PHE C 52 2.88 -15.27 -18.39
CA PHE C 52 1.45 -15.44 -18.60
C PHE C 52 0.69 -15.13 -17.32
N VAL C 53 -0.62 -15.01 -17.41
CA VAL C 53 -1.43 -14.80 -16.21
C VAL C 53 -2.69 -15.65 -16.24
N LEU C 54 -2.98 -16.27 -15.09
CA LEU C 54 -4.19 -17.05 -14.90
C LEU C 54 -5.22 -16.21 -14.17
N SER C 55 -6.21 -15.73 -14.92
CA SER C 55 -7.30 -14.95 -14.34
C SER C 55 -8.43 -15.86 -13.90
N LEU C 56 -8.72 -15.85 -12.61
CA LEU C 56 -9.66 -16.79 -12.00
C LEU C 56 -10.66 -16.12 -11.08
N CYS C 57 -11.93 -16.50 -11.19
CA CYS C 57 -12.99 -15.89 -10.39
C CYS C 57 -13.36 -16.75 -9.17
N HIS C 58 -13.32 -16.15 -7.99
CA HIS C 58 -13.76 -16.81 -6.77
C HIS C 58 -14.45 -15.84 -5.83
N LEU C 59 -15.71 -16.11 -5.52
CA LEU C 59 -16.54 -15.23 -4.70
C LEU C 59 -16.80 -13.92 -5.42
N GLN C 60 -17.16 -14.02 -6.70
CA GLN C 60 -17.43 -12.84 -7.50
C GLN C 60 -16.25 -11.87 -7.46
N LYS C 61 -15.04 -12.43 -7.26
CA LYS C 61 -13.81 -11.65 -7.34
C LYS C 61 -12.82 -12.30 -8.28
N VAL C 62 -12.20 -11.50 -9.15
CA VAL C 62 -11.19 -12.00 -10.05
C VAL C 62 -9.78 -11.78 -9.50
N LYS C 63 -8.99 -12.85 -9.49
CA LYS C 63 -7.59 -12.81 -9.06
C LYS C 63 -6.71 -13.21 -10.24
N HIS C 64 -5.45 -12.79 -10.20
CA HIS C 64 -4.54 -13.02 -11.32
C HIS C 64 -3.23 -13.66 -10.89
N TYR C 65 -2.97 -14.86 -11.40
CA TYR C 65 -1.80 -15.64 -11.00
C TYR C 65 -0.73 -15.72 -12.06
N LEU C 66 0.37 -15.04 -11.80
CA LEU C 66 1.52 -15.02 -12.69
C LEU C 66 2.02 -16.44 -12.96
N ILE C 67 2.31 -16.71 -14.23
CA ILE C 67 2.87 -17.96 -14.67
C ILE C 67 4.18 -17.65 -15.37
N LEU C 68 5.29 -18.01 -14.71
CA LEU C 68 6.62 -17.66 -15.23
C LEU C 68 7.40 -18.87 -15.71
N PRO C 69 8.09 -18.71 -16.85
CA PRO C 69 8.95 -19.76 -17.39
C PRO C 69 10.37 -19.67 -16.82
N SER C 70 11.04 -20.80 -16.75
CA SER C 70 12.44 -20.84 -16.35
C SER C 70 13.07 -22.10 -16.95
N GLU C 71 14.33 -22.33 -16.63
CA GLU C 71 15.06 -23.45 -17.23
C GLU C 71 15.82 -24.28 -16.21
N GLU C 72 15.74 -25.59 -16.36
CA GLU C 72 16.53 -26.52 -15.56
C GLU C 72 17.64 -27.13 -16.39
N GLU C 73 17.34 -28.21 -17.11
CA GLU C 73 18.34 -28.87 -17.96
C GLU C 73 19.08 -27.86 -18.83
N ARG C 75 15.84 -27.79 -19.83
CA ARG C 75 14.42 -28.05 -19.78
C ARG C 75 13.65 -26.76 -19.46
N LEU C 76 12.73 -26.39 -20.36
CA LEU C 76 11.89 -25.21 -20.16
C LEU C 76 10.66 -25.59 -19.37
N TYR C 77 10.33 -24.82 -18.33
CA TYR C 77 9.11 -25.10 -17.57
C TYR C 77 8.39 -23.85 -17.09
N PHE C 78 7.11 -23.99 -16.77
CA PHE C 78 6.33 -22.90 -16.20
C PHE C 78 6.01 -23.20 -14.74
N SER C 79 5.91 -22.14 -13.94
CA SER C 79 5.60 -22.28 -12.52
C SER C 79 4.86 -21.05 -12.02
N MET C 80 3.96 -21.25 -11.06
CA MET C 80 3.24 -20.13 -10.48
C MET C 80 3.87 -19.79 -9.16
N ASP C 81 4.88 -20.59 -8.84
CA ASP C 81 5.27 -20.72 -7.47
C ASP C 81 6.77 -20.84 -7.25
N ASP C 82 7.48 -20.51 -8.33
CA ASP C 82 8.94 -20.49 -8.40
C ASP C 82 9.59 -21.87 -8.39
N GLY C 83 9.06 -22.78 -9.20
CA GLY C 83 9.69 -24.08 -9.38
C GLY C 83 9.29 -25.21 -8.45
N GLN C 84 8.44 -24.99 -7.47
CA GLN C 84 8.07 -26.13 -6.64
C GLN C 84 6.98 -26.95 -7.33
N THR C 85 6.22 -26.33 -8.23
CA THR C 85 5.29 -27.09 -9.06
C THR C 85 5.46 -26.71 -10.53
N ARG C 86 5.89 -27.66 -11.35
CA ARG C 86 6.32 -27.34 -12.71
C ARG C 86 5.46 -27.98 -13.80
N PHE C 87 5.40 -27.31 -14.94
CA PHE C 87 4.62 -27.77 -16.08
C PHE C 87 5.37 -27.48 -17.36
N THR C 88 5.34 -28.44 -18.29
CA THR C 88 6.06 -28.29 -19.56
C THR C 88 5.39 -27.24 -20.45
N ASP C 89 4.08 -27.12 -20.34
CA ASP C 89 3.34 -26.10 -21.08
C ASP C 89 2.10 -25.66 -20.32
N LEU C 90 1.36 -24.69 -20.87
CA LEU C 90 0.21 -24.11 -20.20
C LEU C 90 -0.95 -25.11 -20.04
N LEU C 91 -1.18 -25.91 -21.07
CA LEU C 91 -2.26 -26.90 -21.05
C LEU C 91 -2.15 -27.83 -19.85
N GLN C 92 -0.94 -28.30 -19.57
CA GLN C 92 -0.72 -29.22 -18.46
C GLN C 92 -1.04 -28.57 -17.12
N LEU C 93 -0.68 -27.30 -17.00
CA LEU C 93 -0.95 -26.54 -15.79
C LEU C 93 -2.46 -26.41 -15.57
N VAL C 94 -3.17 -26.08 -16.66
CA VAL C 94 -4.63 -25.98 -16.59
C VAL C 94 -5.29 -27.31 -16.20
N GLU C 95 -4.96 -28.36 -16.95
CA GLU C 95 -5.51 -29.68 -16.67
C GLU C 95 -5.22 -30.12 -15.24
N PHE C 96 -4.01 -29.87 -14.77
CA PHE C 96 -3.66 -30.19 -13.39
C PHE C 96 -4.60 -29.45 -12.45
N HIS C 97 -4.82 -28.17 -12.71
CA HIS C 97 -5.66 -27.39 -11.79
C HIS C 97 -7.16 -27.52 -12.00
N GLN C 98 -7.62 -28.42 -12.85
CA GLN C 98 -9.01 -28.84 -12.93
C GLN C 98 -9.33 -29.81 -11.81
N LEU C 99 -8.35 -30.59 -11.42
CA LEU C 99 -8.53 -31.57 -10.38
C LEU C 99 -7.98 -31.16 -9.02
N ASN C 100 -6.93 -30.37 -9.01
CA ASN C 100 -6.20 -30.09 -7.81
C ASN C 100 -6.12 -28.63 -7.62
N ARG C 101 -6.19 -28.16 -6.39
CA ARG C 101 -6.19 -26.75 -6.05
C ARG C 101 -4.83 -26.11 -6.27
N GLY C 102 -3.77 -26.82 -5.92
CA GLY C 102 -2.45 -26.22 -5.87
C GLY C 102 -2.54 -25.00 -4.98
N ILE C 103 -1.98 -23.89 -5.45
CA ILE C 103 -2.01 -22.64 -4.70
C ILE C 103 -3.34 -21.90 -4.86
N LEU C 104 -4.22 -22.47 -5.69
CA LEU C 104 -5.48 -21.82 -6.03
C LEU C 104 -6.56 -21.98 -4.95
N PRO C 105 -7.53 -21.06 -4.91
CA PRO C 105 -8.64 -21.04 -3.95
C PRO C 105 -9.74 -22.04 -4.31
N CYS C 106 -9.89 -22.33 -5.60
CA CYS C 106 -10.88 -23.29 -6.07
C CYS C 106 -10.38 -23.94 -7.36
N LEU C 107 -11.01 -25.03 -7.76
CA LEU C 107 -10.64 -25.70 -9.01
C LEU C 107 -11.05 -24.87 -10.22
N LEU C 108 -10.36 -25.07 -11.34
CA LEU C 108 -10.79 -24.48 -12.60
C LEU C 108 -11.80 -25.45 -13.22
N ARG C 109 -12.97 -24.95 -13.60
CA ARG C 109 -13.96 -25.82 -14.24
C ARG C 109 -14.74 -25.17 -15.39
N HIS C 110 -14.78 -23.85 -15.43
CA HIS C 110 -15.46 -23.16 -16.52
C HIS C 110 -14.54 -22.24 -17.32
N CYS C 111 -14.59 -22.41 -18.64
CA CYS C 111 -13.74 -21.70 -19.58
C CYS C 111 -14.41 -20.40 -20.02
N CYS C 112 -13.74 -19.27 -19.80
CA CYS C 112 -14.28 -17.99 -20.25
C CYS C 112 -14.00 -17.77 -21.74
N GLN D 14 -13.95 26.76 23.09
CA GLN D 14 -13.48 25.46 23.57
C GLN D 14 -13.90 24.35 22.62
N LEU D 15 -14.88 24.65 21.78
CA LEU D 15 -15.60 23.65 20.99
C LEU D 15 -14.77 22.62 20.21
N TRP D 16 -13.72 23.05 19.53
CA TRP D 16 -13.07 22.20 18.53
C TRP D 16 -12.22 21.07 19.08
N PHE D 17 -11.78 21.17 20.32
CA PHE D 17 -10.98 20.12 20.92
C PHE D 17 -11.86 19.02 21.50
N HIS D 18 -11.70 17.81 21.00
CA HIS D 18 -12.53 16.70 21.42
C HIS D 18 -11.78 15.71 22.32
N GLY D 19 -10.80 16.21 23.07
CA GLY D 19 -10.02 15.36 23.95
C GLY D 19 -9.55 14.14 23.20
N ARG D 20 -9.84 12.97 23.72
CA ARG D 20 -9.52 11.74 23.01
C ARG D 20 -10.74 11.02 22.44
N ILE D 21 -10.68 10.81 21.14
CA ILE D 21 -11.61 9.97 20.42
C ILE D 21 -10.80 9.34 19.31
N SER D 22 -11.26 8.18 18.85
CA SER D 22 -10.60 7.48 17.77
C SER D 22 -10.72 8.25 16.46
N ARG D 23 -9.98 7.78 15.47
CA ARG D 23 -10.04 8.31 14.12
C ARG D 23 -11.43 8.09 13.53
N GLU D 24 -11.91 6.86 13.63
CA GLU D 24 -13.25 6.53 13.16
C GLU D 24 -14.28 7.40 13.87
N GLU D 25 -14.24 7.41 15.20
CA GLU D 25 -15.17 8.23 15.96
C GLU D 25 -15.24 9.66 15.44
N SER D 26 -14.08 10.19 15.02
CA SER D 26 -14.02 11.53 14.45
C SER D 26 -14.69 11.56 13.08
N GLN D 27 -14.48 10.53 12.28
CA GLN D 27 -15.10 10.45 10.97
C GLN D 27 -16.64 10.39 11.08
N ARG D 28 -17.13 9.73 12.13
CA ARG D 28 -18.55 9.59 12.37
C ARG D 28 -19.15 10.90 12.89
N LEU D 29 -18.43 11.55 13.81
CA LEU D 29 -18.88 12.85 14.32
C LEU D 29 -18.97 13.89 13.20
N ILE D 30 -17.87 14.06 12.47
CA ILE D 30 -17.85 14.98 11.34
C ILE D 30 -18.93 14.62 10.34
N GLY D 31 -19.02 13.33 10.02
CA GLY D 31 -20.04 12.84 9.11
C GLY D 31 -21.42 13.31 9.50
N GLN D 32 -21.83 13.02 10.73
CA GLN D 32 -23.19 13.35 11.16
C GLN D 32 -23.41 14.86 11.39
N GLN D 33 -22.39 15.67 11.17
CA GLN D 33 -22.61 17.12 11.17
C GLN D 33 -22.63 17.73 9.77
N GLY D 34 -22.64 16.87 8.74
CA GLY D 34 -22.90 17.32 7.39
C GLY D 34 -21.81 17.15 6.34
N LEU D 35 -20.65 16.65 6.76
CA LEU D 35 -19.52 16.50 5.83
C LEU D 35 -19.27 17.78 5.03
N VAL D 36 -19.43 18.92 5.69
CA VAL D 36 -19.28 20.20 5.01
C VAL D 36 -17.82 20.64 4.90
N ASP D 37 -17.53 21.45 3.89
CA ASP D 37 -16.18 21.98 3.69
C ASP D 37 -15.76 22.85 4.86
N GLY D 38 -14.60 22.55 5.43
CA GLY D 38 -14.07 23.34 6.52
C GLY D 38 -14.51 22.84 7.88
N LEU D 39 -15.43 21.87 7.90
CA LEU D 39 -15.83 21.24 9.14
C LEU D 39 -14.62 20.51 9.70
N PHE D 40 -14.30 20.75 10.97
CA PHE D 40 -13.07 20.23 11.54
C PHE D 40 -13.17 19.96 13.04
N LEU D 41 -12.22 19.19 13.55
CA LEU D 41 -12.02 19.05 14.98
C LEU D 41 -10.58 18.64 15.27
N VAL D 42 -10.14 18.89 16.50
CA VAL D 42 -8.81 18.47 16.92
C VAL D 42 -8.95 17.44 18.02
N ARG D 43 -8.08 16.43 18.01
CA ARG D 43 -8.15 15.38 19.00
C ARG D 43 -6.77 14.93 19.46
N GLU D 44 -6.70 14.26 20.57
CA GLU D 44 -5.49 13.59 20.91
C GLU D 44 -5.37 12.30 20.18
N SER D 45 -4.13 11.95 19.93
CA SER D 45 -3.74 10.82 19.13
C SER D 45 -3.55 9.56 19.99
N GLN D 46 -3.40 8.39 19.39
CA GLN D 46 -2.89 7.21 20.12
C GLN D 46 -1.84 6.38 19.43
N ARG D 47 -0.62 6.49 19.89
CA ARG D 47 -0.33 7.36 20.96
C ARG D 47 0.44 8.54 20.51
N ASN D 48 1.58 8.70 21.08
CA ASN D 48 2.02 10.01 21.25
C ASN D 48 0.83 10.49 22.09
N PRO D 49 1.04 10.61 23.37
CA PRO D 49 0.18 11.35 24.25
C PRO D 49 0.49 12.82 24.05
N GLN D 50 1.67 13.07 23.56
CA GLN D 50 2.16 14.39 23.20
C GLN D 50 1.50 14.83 21.90
N GLY D 51 1.18 13.84 21.05
CA GLY D 51 0.71 14.11 19.70
C GLY D 51 -0.76 14.48 19.60
N PHE D 52 -1.11 15.15 18.51
CA PHE D 52 -2.51 15.48 18.25
C PHE D 52 -2.85 15.24 16.79
N VAL D 53 -4.13 15.28 16.45
CA VAL D 53 -4.56 15.14 15.06
C VAL D 53 -5.64 16.15 14.70
N LEU D 54 -5.48 16.76 13.55
CA LEU D 54 -6.46 17.68 13.00
C LEU D 54 -7.32 16.96 11.97
N SER D 55 -8.54 16.61 12.35
CA SER D 55 -9.47 15.95 11.45
C SER D 55 -10.29 16.99 10.69
N LEU D 56 -10.17 16.98 9.37
CA LEU D 56 -10.74 18.03 8.53
C LEU D 56 -11.48 17.45 7.32
N CYS D 57 -12.67 17.98 7.03
CA CYS D 57 -13.48 17.48 5.94
C CYS D 57 -13.35 18.35 4.68
N HIS D 58 -13.01 17.73 3.56
CA HIS D 58 -12.97 18.42 2.27
C HIS D 58 -13.44 17.51 1.14
N LEU D 59 -14.49 17.93 0.46
CA LEU D 59 -15.12 17.13 -0.60
C LEU D 59 -15.76 15.88 -0.02
N GLN D 60 -16.48 16.05 1.08
CA GLN D 60 -17.12 14.92 1.75
C GLN D 60 -16.11 13.83 2.07
N LYS D 61 -14.85 14.23 2.26
CA LYS D 61 -13.82 13.32 2.70
C LYS D 61 -13.10 13.87 3.93
N VAL D 62 -12.87 13.01 4.92
CA VAL D 62 -12.14 13.41 6.11
C VAL D 62 -10.67 13.01 6.03
N LYS D 63 -9.80 13.98 6.28
CA LYS D 63 -8.36 13.76 6.32
C LYS D 63 -7.85 14.07 7.71
N HIS D 64 -6.69 13.51 8.06
CA HIS D 64 -6.16 13.65 9.42
C HIS D 64 -4.71 14.12 9.42
N TYR D 65 -4.49 15.29 10.02
CA TYR D 65 -3.17 15.93 10.00
C TYR D 65 -2.49 15.89 11.36
N LEU D 66 -1.45 15.08 11.45
CA LEU D 66 -0.64 14.94 12.64
C LEU D 66 -0.08 16.29 13.09
N ILE D 67 -0.18 16.55 14.39
CA ILE D 67 0.37 17.75 15.01
C ILE D 67 1.35 17.29 16.08
N LEU D 68 2.63 17.49 15.82
CA LEU D 68 3.68 17.00 16.70
C LEU D 68 4.41 18.12 17.43
N PRO D 69 4.69 17.90 18.72
CA PRO D 69 5.45 18.86 19.53
C PRO D 69 6.95 18.59 19.43
N SER D 70 7.74 19.63 19.58
CA SER D 70 9.20 19.51 19.65
C SER D 70 9.76 20.68 20.43
N GLU D 71 11.08 20.75 20.53
CA GLU D 71 11.70 21.78 21.35
C GLU D 71 12.85 22.50 20.65
N GLU D 72 12.87 23.82 20.79
CA GLU D 72 13.98 24.61 20.27
C GLU D 72 14.82 25.15 21.42
N ARG D 75 11.91 25.98 24.67
CA ARG D 75 10.84 26.44 23.80
C ARG D 75 10.06 25.26 23.21
N LEU D 76 8.82 25.10 23.66
CA LEU D 76 7.94 24.03 23.18
C LEU D 76 7.08 24.53 22.03
N TYR D 77 7.01 23.76 20.94
CA TYR D 77 6.14 24.14 19.82
C TYR D 77 5.48 22.96 19.12
N PHE D 78 4.38 23.24 18.43
CA PHE D 78 3.67 22.24 17.63
C PHE D 78 3.84 22.54 16.16
N SER D 79 3.87 21.49 15.34
CA SER D 79 4.00 21.64 13.91
C SER D 79 3.32 20.49 13.18
N MET D 80 2.83 20.76 11.99
CA MET D 80 2.26 19.77 11.17
C MET D 80 3.19 19.38 10.03
N ASP D 81 4.40 19.90 10.02
CA ASP D 81 5.27 19.87 8.88
C ASP D 81 6.74 19.93 9.18
N ASP D 82 7.10 19.37 10.29
CA ASP D 82 8.41 19.35 10.87
C ASP D 82 9.17 20.67 11.08
N GLY D 83 8.60 21.63 11.76
CA GLY D 83 9.27 22.88 12.07
C GLY D 83 9.22 24.00 11.05
N GLN D 84 8.63 23.79 9.87
CA GLN D 84 8.57 24.93 8.94
C GLN D 84 7.57 25.97 9.43
N THR D 85 6.53 25.52 10.11
CA THR D 85 5.48 26.40 10.61
C THR D 85 5.15 26.03 12.04
N ARG D 86 5.40 26.94 12.97
CA ARG D 86 5.34 26.60 14.40
C ARG D 86 4.27 27.36 15.16
N PHE D 87 3.79 26.72 16.22
CA PHE D 87 2.74 27.30 17.06
C PHE D 87 3.00 26.95 18.52
N THR D 88 2.81 27.92 19.40
CA THR D 88 3.08 27.71 20.83
C THR D 88 2.04 26.78 21.46
N ASP D 89 0.82 26.81 20.94
CA ASP D 89 -0.24 25.91 21.39
C ASP D 89 -1.22 25.59 20.26
N LEU D 90 -2.20 24.73 20.55
CA LEU D 90 -3.15 24.28 19.52
C LEU D 90 -4.06 25.40 19.04
N LEU D 91 -4.50 26.25 19.95
CA LEU D 91 -5.40 27.35 19.61
C LEU D 91 -4.81 28.24 18.52
N GLN D 92 -3.52 28.55 18.65
CA GLN D 92 -2.86 29.42 17.69
C GLN D 92 -2.82 28.79 16.30
N LEU D 93 -2.59 27.48 16.27
CA LEU D 93 -2.56 26.73 15.02
C LEU D 93 -3.93 26.79 14.35
N VAL D 94 -4.97 26.56 15.14
CA VAL D 94 -6.35 26.63 14.62
C VAL D 94 -6.68 28.02 14.07
N GLU D 95 -6.49 29.04 14.91
CA GLU D 95 -6.76 30.42 14.50
C GLU D 95 -5.99 30.79 13.23
N PHE D 96 -4.73 30.39 13.16
CA PHE D 96 -3.94 30.63 11.97
C PHE D 96 -4.61 29.99 10.76
N HIS D 97 -5.06 28.75 10.91
CA HIS D 97 -5.64 28.05 9.77
C HIS D 97 -7.12 28.37 9.50
N GLN D 98 -7.65 29.38 10.11
CA GLN D 98 -8.93 29.92 9.76
C GLN D 98 -8.77 30.96 8.65
N LEU D 99 -7.61 31.57 8.60
CA LEU D 99 -7.29 32.57 7.64
C LEU D 99 -6.48 32.03 6.47
N ASN D 100 -5.52 31.17 6.76
CA ASN D 100 -4.52 30.76 5.82
C ASN D 100 -4.61 29.29 5.68
N ARG D 101 -4.35 28.77 4.48
CA ARG D 101 -4.42 27.37 4.14
C ARG D 101 -3.29 26.57 4.77
N GLY D 102 -2.09 27.15 4.78
CA GLY D 102 -0.91 26.39 5.13
C GLY D 102 -0.87 25.17 4.24
N ILE D 103 -0.61 24.01 4.84
CA ILE D 103 -0.55 22.76 4.10
C ILE D 103 -1.94 22.20 3.82
N LEU D 104 -2.97 22.87 4.33
CA LEU D 104 -4.34 22.38 4.25
C LEU D 104 -5.00 22.66 2.90
N PRO D 105 -6.00 21.85 2.54
CA PRO D 105 -6.76 21.96 1.28
C PRO D 105 -7.79 23.08 1.29
N CYS D 106 -8.29 23.42 2.48
CA CYS D 106 -9.26 24.49 2.63
C CYS D 106 -9.12 25.10 4.02
N LEU D 107 -9.70 26.27 4.22
CA LEU D 107 -9.66 26.92 5.53
C LEU D 107 -10.53 26.17 6.54
N LEU D 108 -10.21 26.29 7.82
CA LEU D 108 -11.08 25.80 8.88
C LEU D 108 -12.11 26.88 9.17
N ARG D 109 -13.39 26.54 9.16
CA ARG D 109 -14.42 27.54 9.47
C ARG D 109 -15.59 27.01 10.30
N HIS D 110 -15.79 25.70 10.31
CA HIS D 110 -16.87 25.13 11.11
C HIS D 110 -16.36 24.13 12.14
N CYS D 111 -16.80 24.32 13.38
CA CYS D 111 -16.37 23.52 14.52
C CYS D 111 -17.30 22.34 14.71
N CYS D 112 -16.74 21.13 14.70
CA CYS D 112 -17.53 19.93 14.94
C CYS D 112 -17.77 19.72 16.43
N TRP E 1 3.86 10.46 5.17
CA TRP E 1 4.55 9.34 4.54
C TRP E 1 3.56 8.33 3.94
N PHE E 2 4.10 7.39 3.16
CA PHE E 2 3.33 6.24 2.71
C PHE E 2 4.15 4.99 3.03
N GLU E 3 3.64 4.15 3.92
CA GLU E 3 4.37 2.95 4.32
C GLU E 3 4.78 2.12 3.12
N GLY E 4 6.10 1.94 2.96
CA GLY E 4 6.63 1.15 1.87
C GLY E 4 7.15 1.99 0.73
N TYR E 5 6.99 3.31 0.84
CA TYR E 5 7.47 4.22 -0.19
C TYR E 5 8.33 5.32 0.41
N ASP E 6 8.94 6.14 -0.44
CA ASP E 6 9.90 7.14 0.01
C ASP E 6 9.31 8.54 0.08
N ASN E 7 8.01 8.65 -0.13
CA ASN E 7 7.32 9.94 -0.02
C ASN E 7 7.58 10.58 1.33
N THR E 8 8.01 11.83 1.31
CA THR E 8 8.14 12.61 2.53
C THR E 8 7.55 14.01 2.33
N PHE E 9 6.57 14.33 3.16
CA PHE E 9 5.87 15.61 3.07
C PHE E 9 5.22 15.93 4.41
N PRO E 10 4.63 17.13 4.54
CA PRO E 10 3.97 17.50 5.79
C PRO E 10 2.88 16.49 6.17
N CCS E 11 3.00 15.92 7.37
CA CCS E 11 2.02 14.92 7.82
CB CCS E 11 2.73 13.77 8.57
SG CCS E 11 4.06 12.97 7.59
CD CCS E 11 3.19 12.47 6.07
CE CCS E 11 4.14 11.74 5.10
OZ1 CCS E 11 5.34 11.95 5.13
C CCS E 11 0.96 15.57 8.71
O CCS E 11 0.06 14.91 9.22
N TRP F 1 3.92 -11.04 -4.08
CA TRP F 1 4.50 -9.99 -3.29
C TRP F 1 3.51 -8.86 -3.01
N PHE F 2 3.87 -7.98 -2.09
CA PHE F 2 3.16 -6.72 -1.87
C PHE F 2 4.19 -5.59 -1.91
N GLU F 3 4.08 -4.72 -2.89
CA GLU F 3 5.04 -3.62 -3.03
C GLU F 3 5.16 -2.82 -1.75
N GLY F 4 6.36 -2.79 -1.19
CA GLY F 4 6.62 -2.04 0.02
C GLY F 4 6.64 -2.91 1.26
N TYR F 5 6.36 -4.19 1.10
CA TYR F 5 6.40 -5.14 2.21
C TYR F 5 7.26 -6.35 1.89
N ASP F 6 7.46 -7.21 2.88
CA ASP F 6 8.38 -8.33 2.74
C ASP F 6 7.68 -9.66 2.48
N ASN F 7 6.38 -9.60 2.26
CA ASN F 7 5.61 -10.80 1.93
C ASN F 7 6.21 -11.50 0.72
N THR F 8 6.46 -12.80 0.85
CA THR F 8 6.87 -13.61 -0.28
C THR F 8 6.08 -14.92 -0.30
N PHE F 9 5.37 -15.15 -1.40
CA PHE F 9 4.52 -16.33 -1.54
C PHE F 9 4.31 -16.61 -3.03
N PRO F 10 3.65 -17.73 -3.35
CA PRO F 10 3.36 -18.05 -4.76
C PRO F 10 2.58 -16.93 -5.44
N CCS F 11 3.12 -16.39 -6.53
CA CCS F 11 2.50 -15.25 -7.21
CB CCS F 11 3.57 -14.26 -7.67
SG CCS F 11 4.66 -13.68 -6.32
CD CCS F 11 3.45 -12.90 -5.18
CE CCS F 11 4.18 -12.30 -3.96
OZ1 CCS F 11 5.32 -12.65 -3.68
C CCS F 11 1.67 -15.72 -8.42
O CCS F 11 1.00 -14.92 -9.08
#